data_4N0V
#
_entry.id   4N0V
#
_cell.length_a   66.607
_cell.length_b   70.784
_cell.length_c   98.776
_cell.angle_alpha   90.00
_cell.angle_beta   90.00
_cell.angle_gamma   90.00
#
_symmetry.space_group_name_H-M   'P 21 21 21'
#
loop_
_entity.id
_entity.type
_entity.pdbx_description
1 polymer 'Glutathione S-transferase, N-terminal domain'
2 water water
#
_entity_poly.entity_id   1
_entity_poly.type   'polypeptide(L)'
_entity_poly.pdbx_seq_one_letter_code
;MKIYDTEGFPNPLRVRIALAEKGATDKVVFVPVDVMGGEHRTTDFRAKNPDATVPVLELDDGTCIAQCNAITEYLDGVFD
GPSLTGASPKERAVIAMMNIRAESGLMNAVGAYFHHATRGLGPDLETWQCPDWGNKQKEVAQSTMAYLNEVLAENEFLAG
DRFTVADITAYAGLVFAEFAKVDIPGHLDHLLAWRARVAARPSITGAENLYFQGHHHHHHHHHH
;
_entity_poly.pdbx_strand_id   A,B
#
# COMPACT_ATOMS: atom_id res chain seq x y z
N MET A 1 21.75 4.35 -11.61
CA MET A 1 20.78 4.34 -10.49
C MET A 1 21.36 5.09 -9.29
N LYS A 2 20.57 6.03 -8.77
CA LYS A 2 20.85 6.68 -7.50
C LYS A 2 19.71 6.40 -6.54
N ILE A 3 20.05 6.14 -5.29
CA ILE A 3 19.01 6.12 -4.27
C ILE A 3 19.31 7.25 -3.30
N TYR A 4 18.34 8.13 -3.16
CA TYR A 4 18.37 9.18 -2.14
C TYR A 4 17.74 8.63 -0.89
N ASP A 5 18.52 8.52 0.17
CA ASP A 5 17.94 8.00 1.40
C ASP A 5 18.64 8.49 2.66
N THR A 6 18.23 7.91 3.77
CA THR A 6 18.62 8.38 5.09
C THR A 6 18.88 7.17 5.94
N GLU A 7 20.14 6.95 6.25
CA GLU A 7 20.51 5.87 7.14
C GLU A 7 19.81 6.01 8.46
N GLY A 8 19.36 4.87 8.97
CA GLY A 8 18.69 4.85 10.23
C GLY A 8 17.18 4.97 10.20
N PHE A 9 16.60 5.12 9.00
CA PHE A 9 15.14 5.19 8.84
C PHE A 9 14.63 3.88 8.26
N PRO A 10 13.40 3.50 8.61
CA PRO A 10 13.02 2.11 8.32
C PRO A 10 12.60 1.86 6.87
N ASN A 11 12.06 2.84 6.20
CA ASN A 11 11.74 2.63 4.79
C ASN A 11 12.94 2.57 3.90
N PRO A 12 13.95 3.42 4.16
CA PRO A 12 15.24 3.16 3.48
C PRO A 12 15.87 1.79 3.76
N LEU A 13 15.74 1.28 4.97
CA LEU A 13 16.17 -0.06 5.27
C LEU A 13 15.51 -1.11 4.37
N ARG A 14 14.18 -1.05 4.27
CA ARG A 14 13.48 -2.00 3.37
C ARG A 14 14.04 -2.09 1.95
N VAL A 15 14.34 -0.94 1.37
CA VAL A 15 14.92 -0.89 0.03
C VAL A 15 16.37 -1.38 0.01
N ARG A 16 17.16 -1.03 1.01
CA ARG A 16 18.55 -1.58 1.11
C ARG A 16 18.59 -3.08 1.27
N ILE A 17 17.65 -3.64 2.05
CA ILE A 17 17.61 -5.08 2.16
C ILE A 17 17.25 -5.74 0.80
N ALA A 18 16.25 -5.19 0.11
CA ALA A 18 15.81 -5.77 -1.18
C ALA A 18 16.95 -5.67 -2.23
N LEU A 19 17.65 -4.56 -2.22
CA LEU A 19 18.77 -4.37 -3.13
C LEU A 19 19.84 -5.43 -2.88
N ALA A 20 20.13 -5.69 -1.62
CA ALA A 20 21.11 -6.69 -1.24
C ALA A 20 20.67 -8.09 -1.59
N GLU A 21 19.38 -8.37 -1.39
CA GLU A 21 18.84 -9.64 -1.79
C GLU A 21 18.97 -9.90 -3.32
N LYS A 22 18.85 -8.85 -4.09
CA LYS A 22 18.97 -8.93 -5.53
C LYS A 22 20.43 -8.90 -5.97
N GLY A 23 21.35 -8.85 -5.01
CA GLY A 23 22.80 -8.88 -5.28
C GLY A 23 23.27 -7.64 -6.04
N ALA A 24 22.62 -6.51 -5.83
CA ALA A 24 22.82 -5.29 -6.62
C ALA A 24 23.26 -4.06 -5.86
N THR A 25 23.76 -4.25 -4.65
CA THR A 25 24.13 -3.09 -3.83
C THR A 25 25.15 -2.20 -4.56
N ASP A 26 26.06 -2.83 -5.28
CA ASP A 26 27.13 -2.10 -5.95
C ASP A 26 26.70 -1.45 -7.24
N LYS A 27 25.45 -1.67 -7.66
CA LYS A 27 24.88 -1.00 -8.83
C LYS A 27 24.26 0.35 -8.58
N VAL A 28 24.24 0.80 -7.33
CA VAL A 28 23.59 2.04 -6.98
C VAL A 28 24.57 2.98 -6.33
N VAL A 29 24.42 4.26 -6.60
CA VAL A 29 25.01 5.30 -5.79
C VAL A 29 24.01 5.87 -4.79
N PHE A 30 24.34 5.74 -3.51
CA PHE A 30 23.54 6.30 -2.45
C PHE A 30 23.84 7.76 -2.17
N VAL A 31 22.80 8.56 -2.11
CA VAL A 31 22.93 9.99 -1.85
C VAL A 31 22.22 10.31 -0.53
N PRO A 32 22.97 10.79 0.48
CA PRO A 32 22.33 11.08 1.75
C PRO A 32 21.34 12.21 1.68
N VAL A 33 20.24 12.05 2.40
CA VAL A 33 19.24 13.09 2.53
C VAL A 33 19.08 13.41 4.02
N ASP A 34 19.18 14.71 4.35
CA ASP A 34 19.15 15.15 5.74
C ASP A 34 17.70 15.42 6.17
N VAL A 35 16.97 14.35 6.47
CA VAL A 35 15.54 14.49 6.81
C VAL A 35 15.40 15.31 8.08
N MET A 36 16.25 15.05 9.07
CA MET A 36 16.17 15.80 10.35
C MET A 36 16.39 17.30 10.14
N GLY A 37 17.11 17.67 9.09
CA GLY A 37 17.26 19.06 8.71
C GLY A 37 16.25 19.56 7.70
N GLY A 38 15.27 18.73 7.33
CA GLY A 38 14.19 19.17 6.44
C GLY A 38 14.47 19.12 4.94
N GLU A 39 15.52 18.42 4.52
CA GLU A 39 15.94 18.44 3.13
C GLU A 39 14.90 17.81 2.21
N HIS A 40 14.22 16.80 2.74
CA HIS A 40 13.16 16.08 2.00
C HIS A 40 11.94 16.93 1.70
N ARG A 41 11.84 18.08 2.38
CA ARG A 41 10.67 18.94 2.28
C ARG A 41 10.92 20.15 1.40
N THR A 42 12.13 20.28 0.89
CA THR A 42 12.47 21.41 0.05
C THR A 42 11.87 21.31 -1.34
N THR A 43 11.99 22.40 -2.08
CA THR A 43 11.45 22.45 -3.43
C THR A 43 12.15 21.51 -4.40
N ASP A 44 13.48 21.50 -4.33
CA ASP A 44 14.28 20.65 -5.19
C ASP A 44 13.91 19.17 -4.96
N PHE A 45 13.77 18.78 -3.71
CA PHE A 45 13.48 17.36 -3.41
C PHE A 45 12.06 17.00 -3.79
N ARG A 46 11.12 17.87 -3.48
CA ARG A 46 9.73 17.66 -3.89
C ARG A 46 9.53 17.52 -5.40
N ALA A 47 10.40 18.12 -6.20
CA ALA A 47 10.36 17.96 -7.66
C ALA A 47 10.72 16.52 -8.05
N LYS A 48 11.58 15.88 -7.29
CA LYS A 48 11.88 14.45 -7.46
C LYS A 48 10.74 13.59 -6.89
N ASN A 49 10.27 13.96 -5.71
CA ASN A 49 9.26 13.17 -5.01
C ASN A 49 8.26 14.03 -4.29
N PRO A 50 7.11 14.26 -4.93
CA PRO A 50 6.08 15.09 -4.30
C PRO A 50 5.50 14.55 -2.98
N ASP A 51 5.73 13.28 -2.68
CA ASP A 51 5.42 12.66 -1.36
C ASP A 51 6.34 13.21 -0.24
N ALA A 52 7.49 13.78 -0.61
CA ALA A 52 8.48 14.26 0.39
C ALA A 52 8.91 13.16 1.38
N THR A 53 9.18 11.98 0.82
CA THR A 53 9.62 10.84 1.59
C THR A 53 10.95 10.32 1.03
N VAL A 54 11.63 9.57 1.86
CA VAL A 54 12.79 8.79 1.48
C VAL A 54 12.41 7.32 1.71
N PRO A 55 12.91 6.42 0.83
CA PRO A 55 13.93 6.58 -0.24
C PRO A 55 13.31 6.95 -1.54
N VAL A 56 14.14 7.48 -2.43
CA VAL A 56 13.73 7.75 -3.80
C VAL A 56 14.77 7.12 -4.72
N LEU A 57 14.32 6.35 -5.70
CA LEU A 57 15.20 5.72 -6.67
C LEU A 57 15.15 6.54 -7.98
N GLU A 58 16.30 7.10 -8.39
CA GLU A 58 16.37 7.94 -9.57
C GLU A 58 17.11 7.15 -10.62
N LEU A 59 16.38 6.81 -11.67
CA LEU A 59 17.00 6.08 -12.77
C LEU A 59 17.88 7.02 -13.60
N ASP A 60 18.72 6.41 -14.43
CA ASP A 60 19.64 7.15 -15.25
C ASP A 60 18.95 8.07 -16.24
N ASP A 61 17.69 7.78 -16.58
CA ASP A 61 16.93 8.67 -17.46
C ASP A 61 16.21 9.78 -16.73
N GLY A 62 16.41 9.88 -15.42
CA GLY A 62 15.78 10.91 -14.61
C GLY A 62 14.48 10.51 -13.92
N THR A 63 13.92 9.36 -14.27
CA THR A 63 12.65 8.91 -13.68
C THR A 63 12.92 8.73 -12.20
N CYS A 64 12.05 9.28 -11.38
CA CYS A 64 12.16 9.15 -9.93
C CYS A 64 11.01 8.28 -9.40
N ILE A 65 11.38 7.18 -8.76
CA ILE A 65 10.38 6.23 -8.24
C ILE A 65 10.46 6.35 -6.72
N ALA A 66 9.32 6.58 -6.14
CA ALA A 66 9.18 6.67 -4.68
C ALA A 66 8.30 5.54 -4.24
N GLN A 67 8.27 5.36 -2.93
CA GLN A 67 7.57 4.29 -2.20
C GLN A 67 8.32 3.00 -2.23
N CYS A 68 8.38 2.32 -1.10
CA CYS A 68 9.20 1.15 -0.99
C CYS A 68 8.72 0.08 -1.98
N ASN A 69 7.40 -0.16 -2.01
CA ASN A 69 6.92 -1.27 -2.82
C ASN A 69 7.19 -1.05 -4.32
N ALA A 70 7.02 0.18 -4.78
CA ALA A 70 7.33 0.50 -6.20
C ALA A 70 8.79 0.37 -6.51
N ILE A 71 9.65 0.84 -5.61
CA ILE A 71 11.08 0.70 -5.78
C ILE A 71 11.47 -0.78 -5.81
N THR A 72 10.95 -1.56 -4.85
CA THR A 72 11.19 -2.98 -4.86
C THR A 72 10.75 -3.68 -6.14
N GLU A 73 9.60 -3.29 -6.66
CA GLU A 73 9.10 -3.84 -7.95
C GLU A 73 10.13 -3.62 -9.02
N TYR A 74 10.67 -2.41 -9.08
CA TYR A 74 11.68 -2.11 -10.08
C TYR A 74 12.88 -3.00 -9.92
N LEU A 75 13.47 -3.02 -8.72
CA LEU A 75 14.67 -3.75 -8.49
C LEU A 75 14.48 -5.25 -8.65
N ASP A 76 13.37 -5.77 -8.17
CA ASP A 76 13.10 -7.20 -8.30
C ASP A 76 12.99 -7.60 -9.77
N GLY A 77 12.47 -6.68 -10.56
CA GLY A 77 12.19 -6.97 -11.98
C GLY A 77 13.47 -6.95 -12.77
N VAL A 78 14.29 -5.93 -12.59
CA VAL A 78 15.48 -5.80 -13.40
C VAL A 78 16.52 -6.88 -13.07
N PHE A 79 16.67 -7.21 -11.79
CA PHE A 79 17.69 -8.14 -11.35
C PHE A 79 17.19 -9.55 -11.16
N ASP A 80 18.13 -10.47 -11.18
CA ASP A 80 17.82 -11.88 -11.17
C ASP A 80 18.01 -12.42 -9.77
N GLY A 81 18.15 -13.71 -9.62
CA GLY A 81 18.19 -14.28 -8.31
C GLY A 81 16.76 -14.58 -7.92
N PRO A 82 16.53 -14.76 -6.63
CA PRO A 82 15.14 -15.13 -6.35
C PRO A 82 14.19 -13.94 -6.49
N SER A 83 12.94 -14.28 -6.74
CA SER A 83 11.89 -13.36 -7.02
C SER A 83 11.31 -12.88 -5.71
N LEU A 84 11.57 -11.61 -5.38
CA LEU A 84 10.99 -11.04 -4.15
C LEU A 84 9.49 -10.76 -4.26
N THR A 85 9.00 -10.56 -5.49
CA THR A 85 7.61 -10.17 -5.69
C THR A 85 6.75 -11.21 -6.39
N GLY A 86 7.35 -12.33 -6.78
CA GLY A 86 6.60 -13.47 -7.29
C GLY A 86 6.80 -13.69 -8.80
N ALA A 87 6.63 -14.94 -9.21
CA ALA A 87 6.91 -15.36 -10.61
C ALA A 87 5.72 -15.97 -11.36
N SER A 88 4.54 -15.94 -10.76
CA SER A 88 3.28 -16.36 -11.37
C SER A 88 2.19 -15.49 -10.82
N PRO A 89 1.02 -15.40 -11.50
CA PRO A 89 -0.06 -14.54 -11.01
C PRO A 89 -0.49 -14.88 -9.57
N LYS A 90 -0.60 -16.18 -9.25
CA LYS A 90 -1.03 -16.56 -7.91
C LYS A 90 0.02 -16.15 -6.88
N GLU A 91 1.29 -16.44 -7.16
CA GLU A 91 2.34 -16.08 -6.19
C GLU A 91 2.44 -14.55 -6.01
N ARG A 92 2.36 -13.83 -7.11
CA ARG A 92 2.41 -12.36 -7.04
C ARG A 92 1.28 -11.83 -6.18
N ALA A 93 0.08 -12.40 -6.37
CA ALA A 93 -1.08 -11.97 -5.61
C ALA A 93 -0.98 -12.31 -4.13
N VAL A 94 -0.52 -13.50 -3.80
CA VAL A 94 -0.35 -13.90 -2.41
C VAL A 94 0.72 -13.05 -1.74
N ILE A 95 1.83 -12.85 -2.41
CA ILE A 95 2.88 -12.00 -1.84
C ILE A 95 2.39 -10.57 -1.61
N ALA A 96 1.67 -10.01 -2.59
CA ALA A 96 1.11 -8.66 -2.45
C ALA A 96 0.20 -8.54 -1.25
N MET A 97 -0.71 -9.54 -1.09
CA MET A 97 -1.65 -9.56 0.02
C MET A 97 -0.91 -9.57 1.35
N MET A 98 0.06 -10.46 1.47
CA MET A 98 0.81 -10.57 2.74
C MET A 98 1.69 -9.36 2.98
N ASN A 99 2.23 -8.80 1.90
CA ASN A 99 3.08 -7.62 2.03
C ASN A 99 2.29 -6.42 2.51
N ILE A 100 1.07 -6.23 1.99
CA ILE A 100 0.20 -5.18 2.46
C ILE A 100 -0.30 -5.39 3.90
N ARG A 101 -0.59 -6.64 4.29
CA ARG A 101 -0.91 -6.90 5.69
C ARG A 101 0.25 -6.49 6.59
N ALA A 102 1.47 -6.81 6.19
CA ALA A 102 2.64 -6.44 7.00
C ALA A 102 2.83 -4.90 6.96
N GLU A 103 2.66 -4.30 5.79
CA GLU A 103 2.93 -2.88 5.64
C GLU A 103 1.88 -2.05 6.38
N SER A 104 0.62 -2.30 6.11
CA SER A 104 -0.46 -1.49 6.73
C SER A 104 -0.61 -1.86 8.20
N GLY A 105 -0.56 -3.13 8.50
CA GLY A 105 -0.82 -3.63 9.84
C GLY A 105 0.34 -3.52 10.83
N LEU A 106 1.57 -3.39 10.35
CA LEU A 106 2.74 -3.38 11.26
C LEU A 106 3.64 -2.19 10.97
N MET A 107 4.22 -2.12 9.79
CA MET A 107 5.12 -1.04 9.48
C MET A 107 4.47 0.35 9.65
N ASN A 108 3.36 0.58 8.98
CA ASN A 108 2.71 1.88 9.03
C ASN A 108 1.97 2.14 10.32
N ALA A 109 1.56 1.06 10.99
CA ALA A 109 0.85 1.14 12.26
C ALA A 109 1.83 1.58 13.34
N VAL A 110 3.01 0.99 13.36
CA VAL A 110 4.08 1.47 14.27
C VAL A 110 4.46 2.92 13.92
N GLY A 111 4.55 3.19 12.63
CA GLY A 111 4.81 4.55 12.14
C GLY A 111 3.80 5.60 12.62
N ALA A 112 2.52 5.24 12.60
CA ALA A 112 1.49 6.15 13.07
C ALA A 112 1.64 6.37 14.57
N TYR A 113 1.90 5.31 15.30
CA TYR A 113 2.13 5.45 16.77
C TYR A 113 3.30 6.36 17.02
N PHE A 114 4.39 6.10 16.35
CA PHE A 114 5.61 6.86 16.56
C PHE A 114 5.40 8.35 16.25
N HIS A 115 4.80 8.64 15.09
CA HIS A 115 4.75 10.01 14.64
C HIS A 115 3.59 10.79 15.25
N HIS A 116 2.58 10.11 15.73
CA HIS A 116 1.36 10.75 16.27
C HIS A 116 1.21 10.67 17.79
N ALA A 117 1.67 9.59 18.40
CA ALA A 117 1.43 9.37 19.80
C ALA A 117 2.67 9.49 20.67
N THR A 118 3.81 9.79 20.08
CA THR A 118 5.07 10.01 20.82
C THR A 118 5.65 11.29 20.26
N ARG A 119 6.76 11.75 20.82
CA ARG A 119 7.41 12.95 20.30
C ARG A 119 7.86 12.77 18.84
N GLY A 120 8.06 11.51 18.46
CA GLY A 120 8.46 11.19 17.10
C GLY A 120 9.77 11.90 16.74
N LEU A 121 9.76 12.58 15.62
CA LEU A 121 10.96 13.23 15.11
C LEU A 121 11.12 14.62 15.70
N GLY A 122 10.20 15.00 16.59
CA GLY A 122 10.24 16.34 17.21
C GLY A 122 9.33 17.33 16.51
N PRO A 123 9.05 18.46 17.17
CA PRO A 123 7.96 19.33 16.73
C PRO A 123 8.22 20.10 15.43
N ASP A 124 9.48 20.25 15.03
CA ASP A 124 9.76 20.87 13.72
C ASP A 124 9.28 19.96 12.56
N LEU A 125 9.35 18.66 12.78
CA LEU A 125 8.99 17.70 11.74
C LEU A 125 7.59 17.18 11.91
N GLU A 126 7.20 16.91 13.15
CA GLU A 126 5.84 16.44 13.44
C GLU A 126 4.91 17.65 13.54
N THR A 127 4.48 18.15 12.41
CA THR A 127 3.81 19.44 12.35
C THR A 127 2.36 19.34 12.82
N TRP A 128 1.74 18.18 12.72
CA TRP A 128 0.40 18.00 13.28
C TRP A 128 0.34 16.58 13.83
N GLN A 129 -0.19 16.41 15.04
CA GLN A 129 -0.40 15.04 15.57
C GLN A 129 -1.82 14.79 15.95
N CYS A 130 -2.21 13.52 15.82
CA CYS A 130 -3.44 13.01 16.31
C CYS A 130 -3.12 11.82 17.23
N PRO A 131 -2.85 12.10 18.51
CA PRO A 131 -2.42 11.02 19.40
C PRO A 131 -3.40 9.86 19.61
N ASP A 132 -4.71 10.11 19.58
CA ASP A 132 -5.69 9.06 19.67
C ASP A 132 -5.53 8.05 18.52
N TRP A 133 -5.27 8.57 17.33
CA TRP A 133 -5.07 7.70 16.15
C TRP A 133 -3.82 6.87 16.35
N GLY A 134 -2.75 7.55 16.78
CA GLY A 134 -1.46 6.87 17.00
C GLY A 134 -1.61 5.75 18.00
N ASN A 135 -2.32 5.99 19.11
CA ASN A 135 -2.50 4.95 20.10
C ASN A 135 -3.34 3.76 19.56
N LYS A 136 -4.38 4.04 18.77
CA LYS A 136 -5.14 2.97 18.16
C LYS A 136 -4.22 2.14 17.24
N GLN A 137 -3.33 2.81 16.55
CA GLN A 137 -2.44 2.11 15.61
C GLN A 137 -1.40 1.26 16.31
N LYS A 138 -1.05 1.59 17.56
CA LYS A 138 -0.16 0.68 18.31
C LYS A 138 -0.88 -0.64 18.57
N GLU A 139 -2.18 -0.58 18.86
CA GLU A 139 -2.96 -1.78 19.07
C GLU A 139 -3.01 -2.62 17.79
N VAL A 140 -3.21 -1.91 16.66
CA VAL A 140 -3.25 -2.59 15.35
C VAL A 140 -1.91 -3.32 15.14
N ALA A 141 -0.82 -2.66 15.47
CA ALA A 141 0.52 -3.27 15.32
C ALA A 141 0.65 -4.56 16.10
N GLN A 142 0.25 -4.51 17.37
CA GLN A 142 0.33 -5.71 18.21
C GLN A 142 -0.61 -6.83 17.78
N SER A 143 -1.80 -6.50 17.27
CA SER A 143 -2.67 -7.51 16.68
C SER A 143 -2.03 -8.12 15.44
N THR A 144 -1.37 -7.29 14.66
CA THR A 144 -0.73 -7.84 13.47
C THR A 144 0.40 -8.78 13.82
N MET A 145 1.16 -8.48 14.90
CA MET A 145 2.21 -9.38 15.34
C MET A 145 1.64 -10.75 15.63
N ALA A 146 0.51 -10.78 16.33
CA ALA A 146 -0.14 -12.05 16.67
C ALA A 146 -0.60 -12.80 15.43
N TYR A 147 -1.16 -12.08 14.45
CA TYR A 147 -1.56 -12.68 13.19
C TYR A 147 -0.38 -13.27 12.44
N LEU A 148 0.70 -12.54 12.37
CA LEU A 148 1.90 -13.04 11.67
C LEU A 148 2.48 -14.27 12.36
N ASN A 149 2.42 -14.27 13.69
CA ASN A 149 2.82 -15.45 14.43
C ASN A 149 2.01 -16.69 14.04
N GLU A 150 0.70 -16.54 13.88
CA GLU A 150 -0.16 -17.63 13.40
C GLU A 150 0.18 -18.06 11.98
N VAL A 151 0.44 -17.09 11.11
CA VAL A 151 0.91 -17.45 9.76
C VAL A 151 2.19 -18.27 9.77
N LEU A 152 3.13 -17.89 10.61
CA LEU A 152 4.47 -18.41 10.63
C LEU A 152 4.49 -19.78 11.33
N ALA A 153 3.42 -20.12 12.06
CA ALA A 153 3.29 -21.48 12.60
C ALA A 153 3.14 -22.48 11.46
N GLU A 154 2.50 -22.08 10.35
CA GLU A 154 2.15 -23.00 9.29
C GLU A 154 2.97 -22.76 8.03
N ASN A 155 3.74 -21.67 8.00
CA ASN A 155 4.53 -21.31 6.81
C ASN A 155 5.92 -20.89 7.24
N GLU A 156 6.95 -21.23 6.48
CA GLU A 156 8.30 -20.82 6.86
C GLU A 156 8.45 -19.30 6.80
N PHE A 157 7.88 -18.72 5.76
CA PHE A 157 7.95 -17.27 5.54
C PHE A 157 6.51 -16.73 5.40
N LEU A 158 6.33 -15.41 5.29
CA LEU A 158 4.99 -14.86 5.34
C LEU A 158 4.08 -15.33 4.21
N ALA A 159 4.65 -15.47 3.02
CA ALA A 159 3.88 -15.86 1.85
C ALA A 159 3.96 -17.32 1.46
N GLY A 160 4.58 -18.13 2.30
CA GLY A 160 4.80 -19.54 1.99
C GLY A 160 6.22 -20.00 2.24
N ASP A 161 6.76 -20.81 1.33
CA ASP A 161 8.02 -21.44 1.59
C ASP A 161 9.26 -20.67 1.13
N ARG A 162 9.09 -19.47 0.55
CA ARG A 162 10.22 -18.66 0.11
C ARG A 162 10.19 -17.25 0.75
N PHE A 163 11.37 -16.70 0.94
CA PHE A 163 11.57 -15.34 1.43
C PHE A 163 11.16 -14.36 0.36
N THR A 164 10.34 -13.38 0.73
CA THR A 164 9.83 -12.40 -0.23
C THR A 164 9.82 -10.98 0.34
N VAL A 165 9.35 -10.04 -0.45
CA VAL A 165 9.18 -8.65 0.00
C VAL A 165 8.35 -8.58 1.27
N ALA A 166 7.36 -9.48 1.41
CA ALA A 166 6.50 -9.43 2.60
C ALA A 166 7.36 -9.58 3.87
N ASP A 167 8.35 -10.50 3.82
CA ASP A 167 9.26 -10.69 4.95
C ASP A 167 10.13 -9.51 5.22
N ILE A 168 10.56 -8.83 4.17
CA ILE A 168 11.31 -7.62 4.36
C ILE A 168 10.49 -6.56 5.11
N THR A 169 9.26 -6.36 4.65
CA THR A 169 8.41 -5.34 5.21
C THR A 169 8.14 -5.67 6.69
N ALA A 170 7.82 -6.92 6.99
CA ALA A 170 7.50 -7.31 8.37
C ALA A 170 8.72 -7.17 9.25
N TYR A 171 9.89 -7.50 8.72
CA TYR A 171 11.14 -7.42 9.50
C TYR A 171 11.45 -5.98 9.87
N ALA A 172 11.41 -5.10 8.90
CA ALA A 172 11.54 -3.68 9.16
C ALA A 172 10.49 -3.15 10.15
N GLY A 173 9.26 -3.65 10.07
CA GLY A 173 8.19 -3.32 11.00
C GLY A 173 8.55 -3.70 12.45
N LEU A 174 9.16 -4.85 12.63
CA LEU A 174 9.62 -5.28 14.02
C LEU A 174 10.77 -4.46 14.52
N VAL A 175 11.76 -4.20 13.67
CA VAL A 175 12.87 -3.33 14.01
C VAL A 175 12.31 -1.96 14.45
N PHE A 176 11.33 -1.45 13.69
CA PHE A 176 10.71 -0.18 13.98
C PHE A 176 9.96 -0.31 15.30
N ALA A 177 9.22 -1.39 15.51
CA ALA A 177 8.45 -1.58 16.76
C ALA A 177 9.43 -1.44 17.96
N GLU A 178 10.59 -2.07 17.85
CA GLU A 178 11.57 -1.96 18.97
C GLU A 178 12.10 -0.58 19.18
N PHE A 179 12.40 0.13 18.12
CA PHE A 179 12.87 1.48 18.22
C PHE A 179 11.82 2.38 18.87
N ALA A 180 10.57 2.15 18.50
CA ALA A 180 9.46 2.96 18.99
C ALA A 180 8.97 2.54 20.38
N LYS A 181 9.55 1.48 20.91
CA LYS A 181 9.12 0.86 22.17
C LYS A 181 7.72 0.35 22.13
N VAL A 182 7.36 -0.29 21.02
CA VAL A 182 6.14 -1.08 20.96
C VAL A 182 6.51 -2.51 21.24
N ASP A 183 6.09 -3.02 22.38
CA ASP A 183 6.49 -4.37 22.79
C ASP A 183 6.01 -5.47 21.81
N ILE A 184 6.92 -6.40 21.54
CA ILE A 184 6.64 -7.62 20.76
C ILE A 184 6.33 -8.69 21.79
N PRO A 185 5.07 -9.12 21.88
CA PRO A 185 4.72 -10.08 22.94
C PRO A 185 5.60 -11.36 22.91
N GLY A 186 6.06 -11.78 24.09
CA GLY A 186 7.19 -12.72 24.17
C GLY A 186 6.76 -14.15 23.94
N HIS A 187 5.46 -14.37 23.94
CA HIS A 187 4.87 -15.66 23.69
C HIS A 187 4.68 -15.99 22.20
N LEU A 188 5.05 -15.06 21.31
CA LEU A 188 4.88 -15.28 19.87
C LEU A 188 6.09 -16.00 19.30
N ASP A 189 6.16 -17.30 19.61
CA ASP A 189 7.40 -18.05 19.36
C ASP A 189 7.80 -18.12 17.89
N HIS A 190 6.79 -18.29 17.05
CA HIS A 190 7.03 -18.47 15.61
C HIS A 190 7.54 -17.16 15.01
N LEU A 191 6.87 -16.05 15.37
CA LEU A 191 7.36 -14.75 14.94
C LEU A 191 8.80 -14.51 15.36
N LEU A 192 9.13 -14.83 16.63
CA LEU A 192 10.47 -14.59 17.11
C LEU A 192 11.53 -15.48 16.43
N ALA A 193 11.18 -16.70 16.13
CA ALA A 193 12.09 -17.66 15.48
C ALA A 193 12.35 -17.21 14.05
N TRP A 194 11.28 -16.80 13.38
CA TRP A 194 11.40 -16.24 12.02
C TRP A 194 12.30 -15.01 12.07
N ARG A 195 12.12 -14.12 13.06
CA ARG A 195 12.82 -12.89 13.08
C ARG A 195 14.34 -13.19 13.14
N ALA A 196 14.72 -14.14 13.99
CA ALA A 196 16.12 -14.49 14.15
C ALA A 196 16.72 -15.05 12.89
N ARG A 197 15.95 -15.86 12.17
CA ARG A 197 16.43 -16.42 10.89
C ARG A 197 16.52 -15.36 9.81
N VAL A 198 15.57 -14.43 9.79
CA VAL A 198 15.66 -13.30 8.84
C VAL A 198 16.85 -12.38 9.13
N ALA A 199 17.06 -12.05 10.42
CA ALA A 199 18.11 -11.14 10.80
C ALA A 199 19.48 -11.65 10.40
N ALA A 200 19.61 -12.96 10.34
CA ALA A 200 20.88 -13.59 10.07
C ALA A 200 21.20 -13.64 8.58
N ARG A 201 20.22 -13.31 7.74
CA ARG A 201 20.44 -13.33 6.30
C ARG A 201 21.53 -12.34 5.91
N PRO A 202 22.33 -12.68 4.89
CA PRO A 202 23.44 -11.77 4.60
C PRO A 202 23.04 -10.40 4.05
N SER A 203 21.79 -10.24 3.60
CA SER A 203 21.30 -8.95 3.17
C SER A 203 21.02 -8.01 4.34
N ILE A 204 20.90 -8.56 5.54
CA ILE A 204 20.57 -7.81 6.71
C ILE A 204 21.78 -7.82 7.62
N THR A 205 22.17 -6.63 8.06
CA THR A 205 23.38 -6.53 8.82
C THR A 205 23.17 -7.19 10.20
N GLY A 206 22.00 -6.96 10.79
CA GLY A 206 21.66 -7.47 12.13
C GLY A 206 22.13 -6.49 13.19
N ALA A 207 23.25 -5.82 12.91
CA ALA A 207 23.69 -4.63 13.66
C ALA A 207 22.79 -3.42 13.44
N GLU A 208 22.29 -3.26 12.22
CA GLU A 208 21.57 -2.04 11.79
C GLU A 208 20.62 -1.53 12.87
N ASN A 209 20.88 -0.32 13.35
CA ASN A 209 19.93 0.34 14.23
C ASN A 209 19.20 1.41 13.45
N LEU A 210 17.93 1.58 13.74
CA LEU A 210 17.28 2.81 13.39
C LEU A 210 17.78 3.86 14.36
N TYR A 211 17.77 5.10 13.90
CA TYR A 211 18.22 6.22 14.68
C TYR A 211 17.95 7.47 13.87
N PHE A 212 17.87 8.59 14.58
CA PHE A 212 17.93 9.90 13.96
C PHE A 212 18.65 10.86 14.91
N GLN A 213 19.22 11.93 14.36
CA GLN A 213 19.67 13.10 15.12
C GLN A 213 19.18 14.37 14.44
N MET B 1 -13.32 -19.28 -10.29
CA MET B 1 -13.12 -18.00 -9.61
C MET B 1 -14.41 -17.45 -9.07
N LYS B 2 -14.40 -17.09 -7.79
CA LYS B 2 -15.51 -16.45 -7.16
C LYS B 2 -15.01 -15.15 -6.57
N ILE B 3 -15.79 -14.12 -6.75
CA ILE B 3 -15.54 -12.91 -6.05
C ILE B 3 -16.68 -12.68 -5.09
N TYR B 4 -16.32 -12.61 -3.82
CA TYR B 4 -17.25 -12.23 -2.76
C TYR B 4 -17.24 -10.72 -2.61
N ASP B 5 -18.37 -10.07 -2.87
CA ASP B 5 -18.37 -8.62 -2.74
C ASP B 5 -19.77 -8.05 -2.46
N THR B 6 -19.86 -6.73 -2.50
CA THR B 6 -21.05 -6.01 -2.06
C THR B 6 -21.24 -4.91 -3.05
N GLU B 7 -22.26 -5.07 -3.90
CA GLU B 7 -22.53 -4.09 -4.92
C GLU B 7 -22.82 -2.74 -4.29
N GLY B 8 -22.28 -1.70 -4.91
CA GLY B 8 -22.42 -0.36 -4.40
C GLY B 8 -21.28 0.17 -3.52
N PHE B 9 -20.33 -0.69 -3.12
CA PHE B 9 -19.18 -0.28 -2.27
C PHE B 9 -17.97 0.04 -3.21
N PRO B 10 -17.13 1.00 -2.84
CA PRO B 10 -16.10 1.48 -3.78
C PRO B 10 -14.93 0.50 -4.04
N ASN B 11 -14.54 -0.32 -3.06
CA ASN B 11 -13.48 -1.30 -3.32
C ASN B 11 -13.97 -2.42 -4.24
N PRO B 12 -15.16 -2.98 -3.98
CA PRO B 12 -15.72 -3.87 -4.99
C PRO B 12 -15.85 -3.27 -6.38
N LEU B 13 -16.21 -2.00 -6.48
CA LEU B 13 -16.21 -1.30 -7.78
C LEU B 13 -14.87 -1.35 -8.49
N ARG B 14 -13.80 -1.07 -7.77
CA ARG B 14 -12.47 -1.13 -8.40
C ARG B 14 -12.18 -2.46 -9.06
N VAL B 15 -12.50 -3.55 -8.38
CA VAL B 15 -12.23 -4.87 -8.90
C VAL B 15 -13.17 -5.19 -10.09
N ARG B 16 -14.43 -4.79 -9.99
CA ARG B 16 -15.35 -4.96 -11.14
C ARG B 16 -14.93 -4.19 -12.38
N ILE B 17 -14.35 -3.00 -12.20
CA ILE B 17 -13.82 -2.28 -13.35
C ILE B 17 -12.58 -2.99 -13.96
N ALA B 18 -11.68 -3.44 -13.10
CA ALA B 18 -10.50 -4.14 -13.57
C ALA B 18 -10.91 -5.38 -14.38
N LEU B 19 -11.86 -6.14 -13.83
CA LEU B 19 -12.29 -7.39 -14.44
C LEU B 19 -12.90 -7.11 -15.83
N ALA B 20 -13.68 -6.05 -15.91
CA ALA B 20 -14.27 -5.60 -17.19
C ALA B 20 -13.20 -5.16 -18.17
N GLU B 21 -12.18 -4.44 -17.69
CA GLU B 21 -11.08 -4.06 -18.56
C GLU B 21 -10.35 -5.27 -19.15
N LYS B 22 -10.27 -6.34 -18.38
CA LYS B 22 -9.55 -7.54 -18.78
C LYS B 22 -10.45 -8.44 -19.66
N GLY B 23 -11.67 -8.00 -19.86
CA GLY B 23 -12.66 -8.67 -20.68
C GLY B 23 -13.14 -9.94 -20.03
N ALA B 24 -13.17 -9.97 -18.71
CA ALA B 24 -13.35 -11.20 -17.99
C ALA B 24 -14.50 -11.20 -17.00
N THR B 25 -15.46 -10.31 -17.18
CA THR B 25 -16.58 -10.25 -16.27
C THR B 25 -17.30 -11.59 -16.16
N ASP B 26 -17.47 -12.24 -17.29
CA ASP B 26 -18.21 -13.51 -17.33
C ASP B 26 -17.40 -14.70 -16.86
N LYS B 27 -16.13 -14.48 -16.49
CA LYS B 27 -15.27 -15.58 -16.05
C LYS B 27 -15.29 -15.79 -14.54
N VAL B 28 -16.06 -14.97 -13.85
CA VAL B 28 -16.17 -15.05 -12.42
C VAL B 28 -17.63 -15.27 -12.04
N VAL B 29 -17.84 -15.94 -10.91
CA VAL B 29 -19.11 -15.87 -10.22
C VAL B 29 -19.06 -14.89 -9.06
N PHE B 30 -19.96 -13.90 -9.07
CA PHE B 30 -20.10 -12.95 -7.96
C PHE B 30 -21.03 -13.44 -6.85
N VAL B 31 -20.52 -13.42 -5.61
CA VAL B 31 -21.28 -13.90 -4.45
C VAL B 31 -21.52 -12.74 -3.53
N PRO B 32 -22.79 -12.36 -3.35
CA PRO B 32 -23.07 -11.23 -2.48
C PRO B 32 -22.69 -11.48 -1.06
N VAL B 33 -22.14 -10.44 -0.45
CA VAL B 33 -21.84 -10.46 0.98
C VAL B 33 -22.63 -9.33 1.64
N ASP B 34 -23.32 -9.67 2.71
CA ASP B 34 -24.17 -8.71 3.40
C ASP B 34 -23.33 -7.96 4.45
N VAL B 35 -22.55 -6.98 4.00
CA VAL B 35 -21.71 -6.21 4.91
C VAL B 35 -22.56 -5.48 5.95
N MET B 36 -23.62 -4.82 5.51
CA MET B 36 -24.46 -4.06 6.44
C MET B 36 -25.02 -4.95 7.56
N GLY B 37 -25.22 -6.24 7.25
CA GLY B 37 -25.64 -7.21 8.25
C GLY B 37 -24.50 -7.94 8.92
N GLY B 38 -23.26 -7.50 8.71
CA GLY B 38 -22.09 -8.02 9.44
C GLY B 38 -21.53 -9.36 8.97
N GLU B 39 -21.89 -9.78 7.76
CA GLU B 39 -21.47 -11.10 7.28
C GLU B 39 -19.94 -11.19 7.15
N HIS B 40 -19.34 -10.07 6.76
CA HIS B 40 -17.88 -9.99 6.53
C HIS B 40 -17.09 -10.17 7.83
N ARG B 41 -17.78 -10.08 8.96
CA ARG B 41 -17.14 -10.14 10.27
C ARG B 41 -17.32 -11.49 10.93
N THR B 42 -18.05 -12.38 10.28
CA THR B 42 -18.31 -13.70 10.82
C THR B 42 -17.05 -14.57 10.77
N THR B 43 -17.01 -15.65 11.54
CA THR B 43 -15.80 -16.49 11.60
C THR B 43 -15.60 -17.26 10.26
N ASP B 44 -16.67 -17.65 9.59
CA ASP B 44 -16.59 -18.30 8.28
C ASP B 44 -15.91 -17.37 7.23
N PHE B 45 -16.33 -16.12 7.20
CA PHE B 45 -15.73 -15.16 6.26
C PHE B 45 -14.30 -14.79 6.65
N ARG B 46 -14.04 -14.63 7.96
CA ARG B 46 -12.69 -14.34 8.44
C ARG B 46 -11.70 -15.44 8.11
N ALA B 47 -12.18 -16.66 7.97
CA ALA B 47 -11.33 -17.78 7.55
C ALA B 47 -10.88 -17.60 6.12
N LYS B 48 -11.74 -17.04 5.29
CA LYS B 48 -11.35 -16.67 3.93
C LYS B 48 -10.45 -15.41 3.97
N ASN B 49 -10.86 -14.43 4.75
CA ASN B 49 -10.17 -13.16 4.80
C ASN B 49 -10.08 -12.58 6.21
N PRO B 50 -8.89 -12.68 6.83
CA PRO B 50 -8.75 -12.17 8.20
C PRO B 50 -8.85 -10.65 8.31
N ASP B 51 -8.74 -9.94 7.19
CA ASP B 51 -8.96 -8.50 7.11
C ASP B 51 -10.45 -8.15 7.35
N ALA B 52 -11.35 -9.12 7.15
CA ALA B 52 -12.80 -8.90 7.18
C ALA B 52 -13.24 -7.75 6.25
N THR B 53 -12.73 -7.78 5.02
CA THR B 53 -13.06 -6.82 3.99
C THR B 53 -13.61 -7.50 2.74
N VAL B 54 -14.33 -6.71 1.97
CA VAL B 54 -14.74 -7.08 0.61
C VAL B 54 -14.07 -6.16 -0.35
N PRO B 55 -13.70 -6.65 -1.56
CA PRO B 55 -13.91 -7.96 -2.16
C PRO B 55 -12.87 -9.00 -1.77
N VAL B 56 -13.23 -10.27 -1.96
CA VAL B 56 -12.29 -11.38 -1.83
C VAL B 56 -12.37 -12.22 -3.08
N LEU B 57 -11.22 -12.56 -3.67
CA LEU B 57 -11.16 -13.44 -4.79
C LEU B 57 -10.78 -14.84 -4.30
N GLU B 58 -11.61 -15.84 -4.57
CA GLU B 58 -11.32 -17.20 -4.19
C GLU B 58 -11.08 -18.01 -5.46
N LEU B 59 -9.93 -18.64 -5.53
CA LEU B 59 -9.56 -19.45 -6.68
C LEU B 59 -10.10 -20.88 -6.51
N ASP B 60 -10.00 -21.63 -7.60
CA ASP B 60 -10.49 -23.00 -7.63
C ASP B 60 -9.66 -23.94 -6.78
N ASP B 61 -8.47 -23.50 -6.33
CA ASP B 61 -7.69 -24.24 -5.40
C ASP B 61 -7.83 -23.83 -3.94
N GLY B 62 -8.79 -22.99 -3.66
CA GLY B 62 -9.09 -22.56 -2.30
C GLY B 62 -8.32 -21.31 -1.85
N THR B 63 -7.39 -20.86 -2.66
CA THR B 63 -6.61 -19.62 -2.31
C THR B 63 -7.54 -18.46 -2.28
N CYS B 64 -7.48 -17.67 -1.19
CA CYS B 64 -8.28 -16.49 -1.06
C CYS B 64 -7.42 -15.24 -1.05
N ILE B 65 -7.62 -14.40 -2.03
CA ILE B 65 -6.80 -13.19 -2.20
C ILE B 65 -7.69 -12.03 -1.80
N ALA B 66 -7.20 -11.24 -0.84
CA ALA B 66 -7.90 -10.04 -0.49
C ALA B 66 -7.06 -8.81 -0.91
N GLN B 67 -7.71 -7.66 -0.79
CA GLN B 67 -7.21 -6.33 -1.14
C GLN B 67 -7.33 -6.07 -2.61
N CYS B 68 -7.79 -4.88 -2.99
CA CYS B 68 -7.96 -4.58 -4.41
C CYS B 68 -6.69 -4.76 -5.22
N ASN B 69 -5.57 -4.23 -4.73
CA ASN B 69 -4.36 -4.29 -5.57
C ASN B 69 -3.89 -5.72 -5.85
N ALA B 70 -3.95 -6.57 -4.82
CA ALA B 70 -3.56 -7.96 -4.94
C ALA B 70 -4.48 -8.72 -5.89
N ILE B 71 -5.78 -8.46 -5.74
CA ILE B 71 -6.77 -9.05 -6.65
C ILE B 71 -6.54 -8.58 -8.10
N THR B 72 -6.32 -7.30 -8.27
CA THR B 72 -6.08 -6.76 -9.62
C THR B 72 -4.80 -7.39 -10.20
N GLU B 73 -3.77 -7.58 -9.36
CA GLU B 73 -2.57 -8.25 -9.78
C GLU B 73 -2.84 -9.64 -10.35
N TYR B 74 -3.64 -10.42 -9.64
CA TYR B 74 -3.97 -11.74 -10.12
C TYR B 74 -4.70 -11.65 -11.48
N LEU B 75 -5.76 -10.86 -11.52
CA LEU B 75 -6.63 -10.77 -12.73
C LEU B 75 -5.82 -10.25 -13.90
N ASP B 76 -4.97 -9.27 -13.65
CA ASP B 76 -4.13 -8.73 -14.69
C ASP B 76 -3.20 -9.76 -15.26
N GLY B 77 -2.71 -10.66 -14.40
CA GLY B 77 -1.75 -11.65 -14.80
C GLY B 77 -2.36 -12.81 -15.61
N VAL B 78 -3.52 -13.30 -15.20
CA VAL B 78 -4.11 -14.49 -15.84
C VAL B 78 -4.90 -14.15 -17.10
N PHE B 79 -5.38 -12.93 -17.21
CA PHE B 79 -6.07 -12.53 -18.45
C PHE B 79 -5.21 -11.68 -19.35
N ASP B 80 -5.51 -11.78 -20.66
CA ASP B 80 -4.75 -11.08 -21.68
C ASP B 80 -5.23 -9.66 -21.88
N GLY B 81 -4.69 -9.03 -22.91
CA GLY B 81 -5.08 -7.68 -23.21
C GLY B 81 -4.09 -6.76 -22.58
N PRO B 82 -4.40 -5.47 -22.62
CA PRO B 82 -3.46 -4.52 -22.07
C PRO B 82 -3.25 -4.74 -20.57
N SER B 83 -2.06 -4.36 -20.14
CA SER B 83 -1.58 -4.64 -18.81
C SER B 83 -1.99 -3.52 -17.87
N LEU B 84 -2.83 -3.82 -16.89
CA LEU B 84 -3.26 -2.81 -15.93
C LEU B 84 -2.17 -2.50 -14.90
N THR B 85 -1.30 -3.46 -14.63
CA THR B 85 -0.27 -3.29 -13.60
C THR B 85 1.14 -3.15 -14.13
N GLY B 86 1.30 -3.26 -15.46
CA GLY B 86 2.58 -2.99 -16.09
C GLY B 86 3.24 -4.24 -16.63
N ALA B 87 3.99 -4.07 -17.73
CA ALA B 87 4.59 -5.21 -18.41
C ALA B 87 6.12 -5.26 -18.39
N SER B 88 6.76 -4.31 -17.70
CA SER B 88 8.18 -4.29 -17.57
C SER B 88 8.51 -3.69 -16.20
N PRO B 89 9.75 -3.83 -15.74
CA PRO B 89 10.07 -3.30 -14.39
C PRO B 89 9.84 -1.82 -14.26
N LYS B 90 10.25 -1.02 -15.24
CA LYS B 90 9.97 0.38 -15.15
C LYS B 90 8.48 0.76 -15.14
N GLU B 91 7.70 0.15 -16.03
CA GLU B 91 6.30 0.46 -16.12
C GLU B 91 5.55 0.01 -14.85
N ARG B 92 5.94 -1.14 -14.34
CA ARG B 92 5.30 -1.68 -13.09
C ARG B 92 5.62 -0.72 -11.94
N ALA B 93 6.86 -0.24 -11.88
CA ALA B 93 7.24 0.70 -10.79
C ALA B 93 6.50 2.04 -10.88
N VAL B 94 6.40 2.61 -12.08
CA VAL B 94 5.70 3.82 -12.25
C VAL B 94 4.22 3.72 -11.95
N ILE B 95 3.58 2.67 -12.45
CA ILE B 95 2.18 2.45 -12.19
C ILE B 95 1.97 2.27 -10.67
N ALA B 96 2.85 1.52 -10.04
CA ALA B 96 2.68 1.21 -8.59
C ALA B 96 2.73 2.51 -7.81
N MET B 97 3.72 3.33 -8.14
CA MET B 97 3.92 4.62 -7.50
C MET B 97 2.66 5.48 -7.63
N MET B 98 2.13 5.62 -8.84
CA MET B 98 0.99 6.43 -9.06
C MET B 98 -0.28 5.84 -8.45
N ASN B 99 -0.36 4.52 -8.45
CA ASN B 99 -1.54 3.87 -7.90
C ASN B 99 -1.62 4.10 -6.39
N ILE B 100 -0.50 4.00 -5.72
CA ILE B 100 -0.44 4.26 -4.27
C ILE B 100 -0.68 5.72 -3.94
N ARG B 101 -0.19 6.64 -4.76
CA ARG B 101 -0.60 8.04 -4.55
C ARG B 101 -2.11 8.26 -4.63
N ALA B 102 -2.78 7.62 -5.59
CA ALA B 102 -4.20 7.66 -5.69
C ALA B 102 -4.86 6.95 -4.52
N GLU B 103 -4.32 5.78 -4.15
CA GLU B 103 -5.03 4.96 -3.15
C GLU B 103 -4.92 5.61 -1.77
N SER B 104 -3.72 5.98 -1.40
CA SER B 104 -3.49 6.52 -0.03
C SER B 104 -3.96 7.94 0.05
N GLY B 105 -3.74 8.70 -1.00
CA GLY B 105 -4.06 10.12 -1.01
C GLY B 105 -5.50 10.45 -1.29
N LEU B 106 -6.23 9.57 -1.99
CA LEU B 106 -7.60 9.88 -2.35
C LEU B 106 -8.59 8.83 -1.84
N MET B 107 -8.47 7.61 -2.31
CA MET B 107 -9.40 6.54 -1.97
C MET B 107 -9.47 6.36 -0.43
N ASN B 108 -8.32 6.16 0.21
CA ASN B 108 -8.32 5.88 1.64
C ASN B 108 -8.47 7.11 2.52
N ALA B 109 -8.14 8.27 1.98
CA ALA B 109 -8.32 9.54 2.67
C ALA B 109 -9.81 9.90 2.71
N VAL B 110 -10.51 9.76 1.57
CA VAL B 110 -11.95 9.90 1.58
C VAL B 110 -12.60 8.87 2.51
N GLY B 111 -12.14 7.63 2.43
CA GLY B 111 -12.62 6.57 3.32
C GLY B 111 -12.51 6.97 4.80
N ALA B 112 -11.39 7.58 5.17
CA ALA B 112 -11.10 7.91 6.58
C ALA B 112 -12.04 9.00 7.01
N TYR B 113 -12.28 9.96 6.12
CA TYR B 113 -13.26 10.99 6.39
C TYR B 113 -14.67 10.42 6.54
N PHE B 114 -15.09 9.60 5.58
CA PHE B 114 -16.38 8.94 5.66
C PHE B 114 -16.55 8.12 6.95
N HIS B 115 -15.60 7.26 7.25
CA HIS B 115 -15.79 6.26 8.31
C HIS B 115 -15.50 6.86 9.69
N HIS B 116 -14.76 7.96 9.74
CA HIS B 116 -14.37 8.53 11.03
C HIS B 116 -15.05 9.86 11.37
N ALA B 117 -15.37 10.67 10.37
CA ALA B 117 -15.85 12.03 10.60
C ALA B 117 -17.29 12.21 10.18
N THR B 118 -17.95 11.13 9.78
CA THR B 118 -19.39 11.16 9.50
C THR B 118 -19.98 9.92 10.13
N ARG B 119 -21.29 9.74 10.01
CA ARG B 119 -21.94 8.54 10.56
C ARG B 119 -21.42 7.27 9.85
N GLY B 120 -20.90 7.45 8.64
CA GLY B 120 -20.34 6.34 7.89
C GLY B 120 -21.37 5.24 7.72
N LEU B 121 -21.02 4.02 8.10
CA LEU B 121 -21.92 2.88 7.93
C LEU B 121 -22.81 2.67 9.14
N GLY B 122 -22.75 3.62 10.07
CA GLY B 122 -23.55 3.57 11.30
C GLY B 122 -22.75 2.94 12.43
N PRO B 123 -23.23 3.10 13.68
CA PRO B 123 -22.42 2.72 14.85
C PRO B 123 -22.21 1.21 15.05
N ASP B 124 -23.09 0.37 14.51
CA ASP B 124 -22.88 -1.07 14.57
C ASP B 124 -21.59 -1.47 13.83
N LEU B 125 -21.33 -0.78 12.72
CA LEU B 125 -20.18 -1.13 11.90
C LEU B 125 -18.97 -0.26 12.23
N GLU B 126 -19.19 1.03 12.46
CA GLU B 126 -18.11 1.95 12.84
C GLU B 126 -17.85 1.86 14.35
N THR B 127 -17.12 0.82 14.75
CA THR B 127 -17.03 0.43 16.15
C THR B 127 -16.10 1.34 16.96
N TRP B 128 -15.19 2.03 16.30
CA TRP B 128 -14.42 3.07 16.95
C TRP B 128 -14.19 4.19 15.94
N GLN B 129 -14.46 5.43 16.30
CA GLN B 129 -14.25 6.55 15.38
C GLN B 129 -13.34 7.60 15.97
N CYS B 130 -12.51 8.17 15.11
CA CYS B 130 -11.64 9.27 15.45
C CYS B 130 -11.90 10.45 14.49
N PRO B 131 -12.88 11.31 14.83
CA PRO B 131 -13.30 12.38 13.90
C PRO B 131 -12.21 13.40 13.52
N ASP B 132 -11.29 13.69 14.43
CA ASP B 132 -10.18 14.59 14.11
C ASP B 132 -9.40 14.05 12.90
N TRP B 133 -9.12 12.75 12.93
CA TRP B 133 -8.29 12.10 11.91
C TRP B 133 -9.04 12.17 10.60
N GLY B 134 -10.33 11.86 10.68
CA GLY B 134 -11.20 11.89 9.50
C GLY B 134 -11.21 13.24 8.82
N ASN B 135 -11.33 14.31 9.61
CA ASN B 135 -11.38 15.64 9.03
C ASN B 135 -10.06 16.07 8.41
N LYS B 136 -8.95 15.65 9.02
CA LYS B 136 -7.66 15.90 8.40
C LYS B 136 -7.55 15.16 7.05
N GLN B 137 -8.08 13.93 7.02
CA GLN B 137 -7.96 13.11 5.81
C GLN B 137 -8.77 13.66 4.67
N LYS B 138 -9.81 14.42 4.97
CA LYS B 138 -10.54 15.12 3.92
C LYS B 138 -9.65 16.15 3.25
N GLU B 139 -8.84 16.85 4.04
CA GLU B 139 -7.86 17.78 3.45
C GLU B 139 -6.86 17.06 2.54
N VAL B 140 -6.36 15.92 3.00
CA VAL B 140 -5.39 15.12 2.23
C VAL B 140 -6.05 14.77 0.88
N ALA B 141 -7.30 14.36 0.94
CA ALA B 141 -8.03 13.99 -0.29
C ALA B 141 -8.01 15.13 -1.28
N GLN B 142 -8.38 16.31 -0.78
CA GLN B 142 -8.43 17.47 -1.67
C GLN B 142 -7.06 17.91 -2.18
N SER B 143 -6.02 17.74 -1.41
CA SER B 143 -4.66 18.04 -1.89
C SER B 143 -4.23 17.02 -2.97
N THR B 144 -4.68 15.78 -2.79
CA THR B 144 -4.37 14.78 -3.80
C THR B 144 -5.07 15.08 -5.15
N MET B 145 -6.30 15.54 -5.07
CA MET B 145 -7.05 15.98 -6.26
C MET B 145 -6.25 17.01 -7.03
N ALA B 146 -5.67 17.98 -6.31
CA ALA B 146 -4.87 19.02 -6.96
C ALA B 146 -3.58 18.49 -7.58
N TYR B 147 -2.95 17.52 -6.93
CA TYR B 147 -1.76 16.90 -7.49
C TYR B 147 -2.09 16.13 -8.78
N LEU B 148 -3.19 15.38 -8.74
CA LEU B 148 -3.57 14.55 -9.90
C LEU B 148 -3.95 15.45 -11.06
N ASN B 149 -4.56 16.58 -10.75
CA ASN B 149 -4.79 17.59 -11.78
C ASN B 149 -3.51 18.05 -12.46
N GLU B 150 -2.46 18.26 -11.69
CA GLU B 150 -1.18 18.61 -12.28
C GLU B 150 -0.60 17.51 -13.15
N VAL B 151 -0.72 16.26 -12.67
CA VAL B 151 -0.20 15.15 -13.45
C VAL B 151 -0.91 15.07 -14.80
N LEU B 152 -2.22 15.27 -14.76
CA LEU B 152 -3.09 15.04 -15.91
C LEU B 152 -3.04 16.25 -16.89
N ALA B 153 -2.36 17.33 -16.49
CA ALA B 153 -2.05 18.43 -17.44
C ALA B 153 -0.98 17.99 -18.41
N GLU B 154 -0.12 17.07 -18.00
CA GLU B 154 1.00 16.62 -18.84
C GLU B 154 0.92 15.15 -19.33
N ASN B 155 -0.14 14.46 -18.96
CA ASN B 155 -0.29 13.02 -19.26
C ASN B 155 -1.71 12.72 -19.51
N GLU B 156 -1.99 11.77 -20.40
CA GLU B 156 -3.37 11.40 -20.71
C GLU B 156 -4.04 10.70 -19.54
N PHE B 157 -3.24 9.87 -18.89
CA PHE B 157 -3.69 9.02 -17.74
C PHE B 157 -2.63 9.15 -16.63
N LEU B 158 -2.90 8.59 -15.46
CA LEU B 158 -2.06 8.88 -14.32
C LEU B 158 -0.59 8.46 -14.50
N ALA B 159 -0.34 7.32 -15.17
CA ALA B 159 0.97 6.75 -15.24
C ALA B 159 1.65 7.00 -16.58
N GLY B 160 0.98 7.77 -17.43
CA GLY B 160 1.52 8.05 -18.77
C GLY B 160 0.41 8.01 -19.80
N ASP B 161 0.71 7.42 -20.95
CA ASP B 161 -0.22 7.49 -22.09
C ASP B 161 -1.28 6.37 -22.16
N ARG B 162 -1.32 5.47 -21.16
CA ARG B 162 -2.24 4.35 -21.19
C ARG B 162 -2.97 4.25 -19.86
N PHE B 163 -4.19 3.77 -19.95
CA PHE B 163 -5.03 3.54 -18.81
C PHE B 163 -4.47 2.35 -18.02
N THR B 164 -4.42 2.52 -16.69
CA THR B 164 -3.88 1.46 -15.80
C THR B 164 -4.67 1.39 -14.51
N VAL B 165 -4.24 0.50 -13.62
CA VAL B 165 -4.89 0.36 -12.32
C VAL B 165 -4.88 1.68 -11.57
N ALA B 166 -3.86 2.55 -11.80
CA ALA B 166 -3.81 3.84 -11.10
C ALA B 166 -5.02 4.68 -11.42
N ASP B 167 -5.49 4.59 -12.66
CA ASP B 167 -6.68 5.33 -13.04
C ASP B 167 -7.93 4.77 -12.42
N ILE B 168 -8.03 3.46 -12.31
CA ILE B 168 -9.19 2.85 -11.69
C ILE B 168 -9.27 3.30 -10.25
N THR B 169 -8.12 3.29 -9.57
CA THR B 169 -8.11 3.65 -8.15
C THR B 169 -8.55 5.10 -7.95
N ALA B 170 -7.97 5.97 -8.73
CA ALA B 170 -8.32 7.41 -8.65
C ALA B 170 -9.77 7.67 -8.99
N TYR B 171 -10.30 6.97 -9.99
CA TYR B 171 -11.68 7.15 -10.40
C TYR B 171 -12.65 6.76 -9.28
N ALA B 172 -12.42 5.60 -8.70
CA ALA B 172 -13.23 5.17 -7.61
C ALA B 172 -13.13 6.17 -6.44
N GLY B 173 -11.93 6.71 -6.24
CA GLY B 173 -11.70 7.72 -5.21
C GLY B 173 -12.58 8.96 -5.38
N LEU B 174 -12.71 9.41 -6.62
CA LEU B 174 -13.60 10.54 -6.95
C LEU B 174 -15.08 10.22 -6.80
N VAL B 175 -15.49 9.05 -7.24
CA VAL B 175 -16.86 8.59 -7.04
C VAL B 175 -17.18 8.55 -5.52
N PHE B 176 -16.24 8.02 -4.75
CA PHE B 176 -16.37 7.95 -3.30
C PHE B 176 -16.42 9.36 -2.74
N ALA B 177 -15.54 10.26 -3.20
CA ALA B 177 -15.57 11.64 -2.73
C ALA B 177 -16.96 12.26 -2.88
N GLU B 178 -17.59 12.04 -4.02
CA GLU B 178 -18.92 12.61 -4.26
C GLU B 178 -19.92 12.02 -3.33
N PHE B 179 -19.91 10.70 -3.20
CA PHE B 179 -20.83 10.05 -2.27
C PHE B 179 -20.70 10.60 -0.85
N ALA B 180 -19.45 10.80 -0.45
CA ALA B 180 -19.15 11.32 0.90
C ALA B 180 -19.31 12.85 1.05
N LYS B 181 -19.70 13.52 -0.03
CA LYS B 181 -19.77 14.98 -0.11
C LYS B 181 -18.45 15.66 0.18
N VAL B 182 -17.35 15.07 -0.25
CA VAL B 182 -16.11 15.79 -0.30
C VAL B 182 -16.07 16.49 -1.66
N ASP B 183 -16.09 17.81 -1.64
CA ASP B 183 -16.07 18.61 -2.85
C ASP B 183 -14.80 18.37 -3.69
N ILE B 184 -15.00 18.19 -4.98
CA ILE B 184 -13.91 18.20 -5.99
C ILE B 184 -13.77 19.62 -6.54
N PRO B 185 -12.68 20.31 -6.20
CA PRO B 185 -12.59 21.72 -6.62
C PRO B 185 -12.75 21.94 -8.13
N GLY B 186 -13.57 22.93 -8.49
CA GLY B 186 -14.15 23.04 -9.83
C GLY B 186 -13.16 23.60 -10.85
N HIS B 187 -12.05 24.14 -10.37
CA HIS B 187 -11.02 24.68 -11.24
C HIS B 187 -10.02 23.61 -11.68
N LEU B 188 -10.18 22.36 -11.21
CA LEU B 188 -9.25 21.28 -11.59
C LEU B 188 -9.66 20.70 -12.93
N ASP B 189 -9.39 21.48 -13.99
CA ASP B 189 -9.94 21.16 -15.31
C ASP B 189 -9.46 19.82 -15.81
N HIS B 190 -8.18 19.54 -15.62
CA HIS B 190 -7.58 18.32 -16.21
C HIS B 190 -8.09 17.07 -15.52
N LEU B 191 -8.20 17.17 -14.21
CA LEU B 191 -8.80 16.06 -13.44
C LEU B 191 -10.22 15.84 -13.88
N LEU B 192 -11.01 16.91 -14.07
CA LEU B 192 -12.40 16.76 -14.44
C LEU B 192 -12.55 16.19 -15.86
N ALA B 193 -11.63 16.56 -16.76
CA ALA B 193 -11.68 16.08 -18.14
C ALA B 193 -11.34 14.61 -18.18
N TRP B 194 -10.32 14.24 -17.42
CA TRP B 194 -9.91 12.82 -17.31
C TRP B 194 -11.07 12.05 -16.72
N ARG B 195 -11.75 12.60 -15.73
CA ARG B 195 -12.81 11.87 -15.10
C ARG B 195 -13.93 11.53 -16.11
N ALA B 196 -14.30 12.51 -16.93
CA ALA B 196 -15.34 12.27 -17.95
C ALA B 196 -14.88 11.20 -18.96
N ARG B 197 -13.63 11.26 -19.37
CA ARG B 197 -13.07 10.27 -20.30
C ARG B 197 -13.10 8.85 -19.72
N VAL B 198 -12.67 8.74 -18.45
CA VAL B 198 -12.68 7.46 -17.78
C VAL B 198 -14.10 6.93 -17.57
N ALA B 199 -15.02 7.82 -17.20
CA ALA B 199 -16.40 7.40 -16.93
C ALA B 199 -17.11 6.87 -18.18
N ALA B 200 -16.58 7.22 -19.34
CA ALA B 200 -17.15 6.84 -20.62
C ALA B 200 -16.55 5.55 -21.13
N ARG B 201 -15.52 5.04 -20.47
CA ARG B 201 -14.98 3.75 -20.88
C ARG B 201 -16.05 2.69 -20.77
N PRO B 202 -16.04 1.72 -21.68
CA PRO B 202 -17.11 0.74 -21.57
C PRO B 202 -17.06 -0.12 -20.31
N SER B 203 -15.90 -0.24 -19.66
CA SER B 203 -15.81 -0.98 -18.39
C SER B 203 -16.59 -0.31 -17.24
N ILE B 204 -16.83 0.98 -17.37
CA ILE B 204 -17.46 1.74 -16.30
C ILE B 204 -18.91 2.09 -16.55
N THR B 205 -19.24 2.36 -17.80
CA THR B 205 -20.61 2.64 -18.18
C THR B 205 -21.39 1.34 -18.03
#